data_3WMC
#
_entry.id   3WMC
#
_cell.length_a   108.014
_cell.length_b   108.014
_cell.length_c   175.570
_cell.angle_alpha   90.00
_cell.angle_beta   90.00
_cell.angle_gamma   120.00
#
_symmetry.space_group_name_H-M   'P 32 2 1'
#
loop_
_entity.id
_entity.type
_entity.pdbx_description
1 polymer Beta-hexosaminidase
2 non-polymer 6-(dimethylamino)-2-(2-{[(5-methyl-1,3,4-thiadiazol-2-yl)methyl]amino}ethyl)-1H-benzo[de]isoquinoline-1,3(2H)-dione
3 non-polymer 2-acetamido-2-deoxy-beta-D-glucopyranose
4 water water
#
_entity_poly.entity_id   1
_entity_poly.type   'polypeptide(L)'
_entity_poly.pdbx_seq_one_letter_code
;EDVVWRWSCDNGKCVKLKNDPRSSEPALSLEACKMFCNEYGLLWPRPTGEADLGNFLSKINLNSIEVKILKKGATDDLME
AAAKRFKEQVSLAIPRGSTPKLTGKAVDVYLVNENPNEKAFSLEMDESYGLRVSPSGADRVNATITANSFFGMRHGLETL
SQLFVFDDIRDHLLMVRDVNISDKPVYPYRGILLDTARNYYSIESIKRTIEAMAAVKLNTLHWHITDSQSFPFVTTKRPN
LYKFGALSPQKVYTKAAIREVVRFGLERGVRVLPEFDAPAHVGEGWQDTDLTVCFKAEPWKSYCVEPPCGQLNPTKDELY
QYLEDIYSDMAEVFDTTDIFHMGGDEVSEACWNSSDSIQNFMMQNRWDLDKESFLKLWNYFQQKAQDKAYKAFGKKLPLI
LWTSTLTNYKHIDDYLNKDDYIIQVWTTGVDPQIKGLLEKGYRLIMSNYDALYFDCGYGAWVGAGNNWCSPYIGWQKVYD
NSPAVIALEHRDQVLGGEAALWSEQSDTSTLDGRLWPRAAALAERLWAEPATSWQDAEYRMLHIRERFVRMGIQAESLQP
EWCYQNEGYCYS
;
_entity_poly.pdbx_strand_id   A
#
loop_
_chem_comp.id
_chem_comp.type
_chem_comp.name
_chem_comp.formula
NAG D-saccharide, beta linking 2-acetamido-2-deoxy-beta-D-glucopyranose 'C8 H15 N O6'
NF6 non-polymer 6-(dimethylamino)-2-(2-{[(5-methyl-1,3,4-thiadiazol-2-yl)methyl]amino}ethyl)-1H-benzo[de]isoquinoline-1,3(2H)-dione 'C20 H21 N5 O2 S'
#
# COMPACT_ATOMS: atom_id res chain seq x y z
N GLU A 1 6.40 -21.95 32.41
CA GLU A 1 5.41 -21.89 33.45
C GLU A 1 4.08 -21.33 32.99
N ASP A 2 3.36 -20.73 33.90
CA ASP A 2 2.04 -20.20 33.58
C ASP A 2 1.99 -18.68 33.76
N VAL A 3 1.08 -18.04 33.03
CA VAL A 3 0.81 -16.61 33.21
C VAL A 3 0.31 -16.35 34.64
N VAL A 4 0.89 -15.36 35.31
CA VAL A 4 0.57 -15.10 36.71
C VAL A 4 -0.22 -13.81 36.91
N TRP A 5 -0.48 -13.11 35.81
CA TRP A 5 -1.17 -11.82 35.88
C TRP A 5 -2.56 -11.91 35.26
N ARG A 6 -3.42 -10.97 35.60
CA ARG A 6 -4.70 -10.79 34.91
C ARG A 6 -4.88 -9.31 34.65
N TRP A 7 -5.88 -8.96 33.86
CA TRP A 7 -6.11 -7.56 33.52
C TRP A 7 -7.56 -7.15 33.75
N SER A 8 -7.75 -5.91 34.22
CA SER A 8 -9.10 -5.37 34.40
C SER A 8 -9.22 -3.99 33.77
N CYS A 9 -10.36 -3.72 33.16
CA CYS A 9 -10.59 -2.45 32.47
C CYS A 9 -10.91 -1.35 33.48
N ASP A 10 -10.20 -0.23 33.38
CA ASP A 10 -10.40 0.90 34.27
C ASP A 10 -10.19 2.18 33.47
N ASN A 11 -11.28 2.92 33.26
CA ASN A 11 -11.24 4.15 32.44
C ASN A 11 -10.55 3.98 31.09
N GLY A 12 -10.93 2.94 30.35
CA GLY A 12 -10.40 2.71 29.02
C GLY A 12 -9.01 2.10 28.95
N LYS A 13 -8.48 1.72 30.11
CA LYS A 13 -7.15 1.11 30.19
C LYS A 13 -7.20 -0.25 30.89
N CYS A 14 -6.52 -1.23 30.31
CA CYS A 14 -6.37 -2.55 30.93
C CYS A 14 -5.23 -2.51 31.94
N VAL A 15 -5.55 -2.52 33.22
CA VAL A 15 -4.50 -2.51 34.23
C VAL A 15 -4.12 -3.91 34.71
N LYS A 16 -2.83 -4.15 34.83
CA LYS A 16 -2.32 -5.46 35.21
C LYS A 16 -2.44 -5.64 36.71
N LEU A 17 -3.02 -6.77 37.11
CA LEU A 17 -3.20 -7.09 38.51
C LEU A 17 -2.82 -8.54 38.73
N LYS A 18 -2.39 -8.87 39.92
CA LYS A 18 -2.04 -10.22 40.20
C LYS A 18 -3.27 -11.13 40.11
N ASN A 19 -3.14 -12.31 39.54
CA ASN A 19 -4.25 -13.24 39.49
C ASN A 19 -4.30 -14.06 40.78
N ASP A 20 -4.76 -13.44 41.86
CA ASP A 20 -4.82 -14.11 43.16
C ASP A 20 -5.84 -15.26 43.15
N PRO A 21 -5.46 -16.39 43.76
CA PRO A 21 -6.34 -17.58 43.80
C PRO A 21 -7.61 -17.38 44.62
N ARG A 22 -7.57 -16.51 45.62
CA ARG A 22 -8.72 -16.29 46.49
C ARG A 22 -9.67 -15.23 45.95
N SER A 23 -10.25 -15.53 44.79
CA SER A 23 -11.16 -14.62 44.12
C SER A 23 -12.23 -15.43 43.39
N SER A 24 -13.46 -14.92 43.37
CA SER A 24 -14.55 -15.58 42.66
C SER A 24 -14.85 -14.91 41.33
N GLU A 25 -14.01 -13.95 40.95
CA GLU A 25 -14.16 -13.25 39.69
C GLU A 25 -13.20 -13.85 38.65
N PRO A 26 -13.75 -14.32 37.53
CA PRO A 26 -12.93 -14.95 36.48
C PRO A 26 -11.86 -13.99 35.95
N ALA A 27 -10.61 -14.41 35.95
CA ALA A 27 -9.52 -13.58 35.44
C ALA A 27 -9.67 -13.29 33.95
N LEU A 28 -9.27 -12.08 33.54
CA LEU A 28 -9.23 -11.74 32.11
C LEU A 28 -7.80 -11.74 31.62
N SER A 29 -7.56 -12.40 30.49
CA SER A 29 -6.25 -12.34 29.85
C SER A 29 -6.11 -10.95 29.21
N LEU A 30 -4.89 -10.58 28.87
CA LEU A 30 -4.59 -9.23 28.37
C LEU A 30 -5.44 -8.82 27.15
N GLU A 31 -5.43 -9.66 26.11
CA GLU A 31 -6.13 -9.29 24.88
C GLU A 31 -7.65 -9.46 24.98
N ALA A 32 -8.10 -10.30 25.91
CA ALA A 32 -9.53 -10.40 26.21
C ALA A 32 -10.02 -9.12 26.87
N CYS A 33 -9.21 -8.56 27.77
CA CYS A 33 -9.54 -7.27 28.38
C CYS A 33 -9.55 -6.17 27.33
N LYS A 34 -8.54 -6.19 26.45
CA LYS A 34 -8.41 -5.15 25.42
C LYS A 34 -9.60 -5.13 24.48
N MET A 35 -10.09 -6.32 24.13
CA MET A 35 -11.20 -6.44 23.18
C MET A 35 -12.43 -5.63 23.59
N PHE A 36 -12.62 -5.44 24.90
CA PHE A 36 -13.81 -4.72 25.35
C PHE A 36 -13.51 -3.41 26.06
N CYS A 37 -12.29 -3.28 26.58
CA CYS A 37 -11.88 -2.04 27.21
C CYS A 37 -11.72 -0.96 26.16
N ASN A 38 -11.25 -1.36 24.97
CA ASN A 38 -11.01 -0.40 23.90
C ASN A 38 -12.28 -0.13 23.11
N GLU A 39 -12.48 1.13 22.73
CA GLU A 39 -13.66 1.53 21.95
C GLU A 39 -13.88 0.63 20.73
N TYR A 40 -12.80 0.32 20.01
CA TYR A 40 -12.91 -0.52 18.82
C TYR A 40 -12.23 -1.88 18.99
N GLY A 41 -12.04 -2.30 20.24
CA GLY A 41 -11.43 -3.59 20.52
C GLY A 41 -10.05 -3.76 19.91
N LEU A 42 -9.85 -4.85 19.19
CA LEU A 42 -8.56 -5.10 18.53
C LEU A 42 -8.62 -4.85 17.02
N LEU A 43 -9.67 -4.18 16.55
CA LEU A 43 -9.85 -3.97 15.11
C LEU A 43 -8.86 -2.97 14.53
N TRP A 44 -8.34 -3.28 13.34
CA TRP A 44 -7.53 -2.34 12.57
C TRP A 44 -7.62 -2.64 11.09
N PRO A 45 -8.13 -1.70 10.30
CA PRO A 45 -8.65 -0.38 10.71
C PRO A 45 -9.98 -0.51 11.41
N ARG A 46 -10.34 0.46 12.25
CA ARG A 46 -11.68 0.50 12.83
C ARG A 46 -12.70 0.74 11.73
N PRO A 47 -13.90 0.16 11.87
CA PRO A 47 -14.95 0.31 10.86
C PRO A 47 -15.48 1.75 10.77
N THR A 48 -16.10 2.08 9.65
CA THR A 48 -16.61 3.44 9.43
C THR A 48 -18.09 3.57 9.75
N GLY A 49 -18.81 2.45 9.74
CA GLY A 49 -20.23 2.45 10.04
C GLY A 49 -20.52 1.90 11.43
N GLU A 50 -21.46 0.95 11.51
CA GLU A 50 -21.80 0.31 12.77
C GLU A 50 -20.60 -0.48 13.31
N ALA A 51 -20.30 -0.30 14.59
CA ALA A 51 -19.18 -1.01 15.22
C ALA A 51 -19.56 -1.57 16.58
N ASP A 52 -20.54 -2.47 16.58
CA ASP A 52 -21.09 -3.03 17.83
C ASP A 52 -20.46 -4.38 18.13
N LEU A 53 -19.64 -4.42 19.18
CA LEU A 53 -18.94 -5.64 19.54
C LEU A 53 -19.53 -6.35 20.76
N GLY A 54 -20.64 -5.82 21.29
CA GLY A 54 -21.28 -6.45 22.42
C GLY A 54 -20.41 -6.42 23.66
N ASN A 55 -20.53 -7.45 24.51
CA ASN A 55 -19.82 -7.48 25.78
C ASN A 55 -19.17 -8.82 26.13
N PHE A 56 -19.42 -9.85 25.32
CA PHE A 56 -19.01 -11.20 25.70
C PHE A 56 -18.14 -11.92 24.66
N LEU A 57 -17.38 -12.90 25.14
CA LEU A 57 -16.61 -13.79 24.27
C LEU A 57 -17.16 -15.19 24.39
N SER A 58 -17.09 -15.96 23.30
CA SER A 58 -17.47 -17.37 23.36
C SER A 58 -16.26 -18.23 23.02
N LYS A 59 -16.13 -19.37 23.67
CA LYS A 59 -15.02 -20.28 23.38
C LYS A 59 -15.26 -21.04 22.09
N ILE A 60 -14.20 -21.19 21.29
CA ILE A 60 -14.31 -21.75 19.94
C ILE A 60 -13.38 -22.94 19.71
N ASN A 61 -13.87 -23.97 19.02
CA ASN A 61 -13.01 -25.05 18.56
C ASN A 61 -12.38 -24.69 17.21
N LEU A 62 -11.05 -24.54 17.22
CA LEU A 62 -10.30 -24.15 16.02
C LEU A 62 -10.54 -25.08 14.82
N ASN A 63 -10.78 -26.36 15.11
CA ASN A 63 -10.98 -27.35 14.06
C ASN A 63 -12.44 -27.51 13.63
N SER A 64 -13.30 -26.63 14.12
CA SER A 64 -14.73 -26.71 13.78
C SER A 64 -15.21 -25.42 13.13
N ILE A 65 -14.35 -24.83 12.31
CA ILE A 65 -14.71 -23.64 11.56
C ILE A 65 -15.00 -24.02 10.11
N GLU A 66 -16.22 -23.73 9.67
CA GLU A 66 -16.61 -24.05 8.30
C GLU A 66 -17.08 -22.81 7.56
N VAL A 67 -16.50 -22.59 6.39
CA VAL A 67 -16.88 -21.45 5.56
C VAL A 67 -17.79 -21.90 4.42
N LYS A 68 -18.92 -21.24 4.27
CA LYS A 68 -19.87 -21.57 3.20
C LYS A 68 -20.11 -20.38 2.27
N ILE A 69 -19.87 -20.60 0.99
CA ILE A 69 -20.12 -19.60 -0.05
C ILE A 69 -21.54 -19.78 -0.58
N LEU A 70 -22.38 -18.77 -0.40
CA LEU A 70 -23.80 -18.91 -0.71
C LEU A 70 -24.17 -18.58 -2.14
N LYS A 71 -23.41 -17.68 -2.77
CA LYS A 71 -23.69 -17.33 -4.16
C LYS A 71 -22.47 -17.57 -5.04
N LYS A 72 -22.66 -18.36 -6.08
CA LYS A 72 -21.58 -18.72 -7.00
C LYS A 72 -21.53 -17.78 -8.20
N GLY A 73 -20.40 -17.75 -8.88
CA GLY A 73 -20.21 -16.88 -10.03
C GLY A 73 -18.78 -16.93 -10.55
N ALA A 74 -18.39 -15.91 -11.31
CA ALA A 74 -17.05 -15.89 -11.91
C ALA A 74 -15.92 -15.82 -10.89
N THR A 75 -16.21 -15.33 -9.69
CA THR A 75 -15.19 -15.20 -8.65
C THR A 75 -15.11 -16.41 -7.72
N ASP A 76 -15.65 -17.55 -8.17
CA ASP A 76 -15.63 -18.78 -7.39
C ASP A 76 -14.21 -19.14 -6.95
N ASP A 77 -13.27 -19.10 -7.88
CA ASP A 77 -11.87 -19.39 -7.59
C ASP A 77 -11.32 -18.48 -6.49
N LEU A 78 -11.63 -17.19 -6.59
CA LEU A 78 -11.14 -16.21 -5.61
C LEU A 78 -11.82 -16.40 -4.25
N MET A 79 -13.13 -16.60 -4.26
CA MET A 79 -13.86 -16.79 -3.01
C MET A 79 -13.44 -18.06 -2.30
N GLU A 80 -13.24 -19.14 -3.06
CA GLU A 80 -12.80 -20.40 -2.48
C GLU A 80 -11.39 -20.31 -1.91
N ALA A 81 -10.52 -19.57 -2.59
CA ALA A 81 -9.16 -19.37 -2.07
C ALA A 81 -9.21 -18.52 -0.80
N ALA A 82 -10.07 -17.51 -0.79
CA ALA A 82 -10.20 -16.64 0.38
C ALA A 82 -10.74 -17.42 1.56
N ALA A 83 -11.72 -18.29 1.30
CA ALA A 83 -12.33 -19.10 2.34
C ALA A 83 -11.32 -20.08 2.94
N LYS A 84 -10.50 -20.70 2.08
CA LYS A 84 -9.49 -21.65 2.57
C LYS A 84 -8.41 -21.00 3.41
N ARG A 85 -8.16 -19.71 3.18
CA ARG A 85 -7.15 -18.99 3.94
C ARG A 85 -7.65 -18.56 5.32
N PHE A 86 -8.96 -18.68 5.55
CA PHE A 86 -9.56 -18.12 6.75
C PHE A 86 -9.04 -18.74 8.04
N LYS A 87 -8.83 -20.06 8.03
CA LYS A 87 -8.36 -20.74 9.23
C LYS A 87 -6.98 -20.24 9.65
N GLU A 88 -6.12 -19.99 8.67
CA GLU A 88 -4.79 -19.48 8.98
C GLU A 88 -4.91 -18.09 9.61
N GLN A 89 -5.80 -17.27 9.06
CA GLN A 89 -6.04 -15.94 9.60
C GLN A 89 -6.47 -16.00 11.07
N VAL A 90 -7.44 -16.86 11.36
CA VAL A 90 -7.91 -17.05 12.74
C VAL A 90 -6.75 -17.44 13.64
N SER A 91 -5.89 -18.34 13.16
CA SER A 91 -4.78 -18.84 13.95
C SER A 91 -3.75 -17.78 14.33
N LEU A 92 -3.79 -16.63 13.65
CA LEU A 92 -2.89 -15.53 14.00
C LEU A 92 -3.18 -14.97 15.39
N ALA A 93 -4.36 -15.29 15.93
CA ALA A 93 -4.71 -14.89 17.29
C ALA A 93 -3.86 -15.66 18.30
N ILE A 94 -3.40 -16.84 17.90
CA ILE A 94 -2.65 -17.73 18.77
C ILE A 94 -1.14 -17.54 18.62
N PRO A 95 -0.47 -17.13 19.71
CA PRO A 95 0.99 -16.93 19.66
C PRO A 95 1.72 -18.23 19.36
N ARG A 96 2.82 -18.14 18.59
CA ARG A 96 3.61 -19.31 18.22
C ARG A 96 4.11 -20.07 19.44
N GLY A 97 3.98 -21.39 19.41
CA GLY A 97 4.37 -22.20 20.54
C GLY A 97 3.25 -22.40 21.54
N SER A 98 2.08 -21.83 21.25
CA SER A 98 0.90 -22.04 22.07
C SER A 98 -0.12 -22.85 21.28
N THR A 99 -0.92 -23.64 21.99
CA THR A 99 -1.94 -24.45 21.36
C THR A 99 -3.26 -24.29 22.10
N PRO A 100 -4.34 -24.03 21.36
CA PRO A 100 -5.68 -23.92 21.96
C PRO A 100 -6.26 -25.28 22.28
N LYS A 101 -6.96 -25.41 23.41
CA LYS A 101 -7.73 -26.61 23.67
C LYS A 101 -8.81 -26.72 22.60
N LEU A 102 -8.97 -27.92 22.04
CA LEU A 102 -9.95 -28.13 20.98
C LEU A 102 -11.32 -28.42 21.56
N THR A 103 -11.92 -27.40 22.16
CA THR A 103 -13.26 -27.49 22.75
C THR A 103 -13.97 -26.21 22.38
N GLY A 104 -15.27 -26.15 22.69
CA GLY A 104 -16.04 -24.94 22.43
C GLY A 104 -16.92 -25.07 21.22
N LYS A 105 -17.52 -23.96 20.81
CA LYS A 105 -18.52 -23.97 19.75
C LYS A 105 -17.94 -24.13 18.35
N ALA A 106 -18.80 -24.56 17.43
CA ALA A 106 -18.45 -24.61 16.02
C ALA A 106 -18.85 -23.29 15.37
N VAL A 107 -18.09 -22.89 14.35
CA VAL A 107 -18.34 -21.62 13.69
C VAL A 107 -18.75 -21.80 12.24
N ASP A 108 -19.96 -21.33 11.91
CA ASP A 108 -20.40 -21.31 10.52
C ASP A 108 -20.19 -19.91 9.93
N VAL A 109 -19.31 -19.82 8.96
CA VAL A 109 -19.07 -18.56 8.26
C VAL A 109 -19.81 -18.59 6.93
N TYR A 110 -20.76 -17.68 6.75
CA TYR A 110 -21.54 -17.62 5.51
C TYR A 110 -21.12 -16.42 4.67
N LEU A 111 -20.63 -16.70 3.46
CA LEU A 111 -20.20 -15.64 2.57
C LEU A 111 -21.26 -15.33 1.53
N VAL A 112 -21.75 -14.08 1.54
CA VAL A 112 -22.75 -13.65 0.58
C VAL A 112 -22.21 -12.54 -0.31
N ASN A 113 -21.85 -12.90 -1.54
CA ASN A 113 -21.35 -11.95 -2.53
C ASN A 113 -22.48 -11.62 -3.51
N GLU A 114 -23.02 -10.42 -3.40
CA GLU A 114 -24.21 -10.03 -4.16
C GLU A 114 -23.97 -9.89 -5.66
N ASN A 115 -22.70 -9.79 -6.07
CA ASN A 115 -22.36 -9.71 -7.49
C ASN A 115 -21.14 -10.57 -7.78
N PRO A 116 -21.32 -11.91 -7.76
CA PRO A 116 -20.18 -12.84 -7.78
C PRO A 116 -19.42 -12.92 -9.09
N ASN A 117 -19.75 -12.08 -10.06
CA ASN A 117 -19.03 -12.04 -11.33
C ASN A 117 -18.02 -10.90 -11.41
N GLU A 118 -18.19 -9.89 -10.56
CA GLU A 118 -17.28 -8.74 -10.54
C GLU A 118 -15.92 -9.09 -9.95
N LYS A 119 -14.87 -8.91 -10.74
CA LYS A 119 -13.50 -9.09 -10.22
C LYS A 119 -12.49 -8.10 -10.79
N ALA A 120 -12.99 -7.03 -11.40
CA ALA A 120 -12.12 -6.00 -11.97
C ALA A 120 -11.81 -4.92 -10.95
N PHE A 121 -10.55 -4.48 -10.91
CA PHE A 121 -10.19 -3.33 -10.10
C PHE A 121 -10.64 -2.06 -10.83
N SER A 122 -11.17 -1.10 -10.07
CA SER A 122 -11.51 0.21 -10.62
C SER A 122 -11.63 1.20 -9.49
N LEU A 123 -11.55 2.49 -9.80
CA LEU A 123 -11.67 3.50 -8.75
C LEU A 123 -13.10 3.53 -8.21
N GLU A 124 -14.03 2.97 -8.97
CA GLU A 124 -15.45 2.97 -8.57
C GLU A 124 -15.88 1.66 -7.92
N MET A 125 -14.96 0.73 -7.75
CA MET A 125 -15.26 -0.59 -7.19
C MET A 125 -15.86 -0.50 -5.78
N ASP A 126 -16.74 -1.45 -5.45
CA ASP A 126 -17.44 -1.43 -4.17
C ASP A 126 -16.75 -2.32 -3.15
N GLU A 127 -16.13 -1.69 -2.16
CA GLU A 127 -15.38 -2.43 -1.13
C GLU A 127 -16.13 -2.49 0.20
N SER A 128 -17.42 -2.23 0.18
CA SER A 128 -18.21 -2.24 1.41
C SER A 128 -18.63 -3.65 1.80
N TYR A 129 -19.00 -3.83 3.06
CA TYR A 129 -19.46 -5.12 3.54
C TYR A 129 -20.25 -4.97 4.83
N GLY A 130 -21.06 -5.97 5.13
CA GLY A 130 -21.72 -6.06 6.42
C GLY A 130 -21.27 -7.32 7.14
N LEU A 131 -21.05 -7.22 8.44
CA LEU A 131 -20.60 -8.37 9.23
C LEU A 131 -21.52 -8.54 10.43
N ARG A 132 -22.08 -9.73 10.57
CA ARG A 132 -22.88 -10.07 11.74
C ARG A 132 -22.42 -11.37 12.35
N VAL A 133 -22.24 -11.36 13.66
CA VAL A 133 -21.91 -12.56 14.41
C VAL A 133 -22.94 -12.74 15.52
N SER A 134 -23.53 -13.94 15.59
CA SER A 134 -24.50 -14.25 16.65
C SER A 134 -24.46 -15.73 16.96
N PRO A 135 -24.82 -16.10 18.19
CA PRO A 135 -24.91 -17.52 18.55
C PRO A 135 -25.95 -18.23 17.69
N SER A 136 -25.67 -19.48 17.32
CA SER A 136 -26.59 -20.26 16.52
C SER A 136 -26.89 -21.57 17.24
N GLY A 137 -28.14 -21.77 17.63
CA GLY A 137 -28.49 -22.92 18.44
C GLY A 137 -27.80 -22.84 19.78
N ALA A 138 -27.41 -24.00 20.32
CA ALA A 138 -26.78 -24.05 21.63
C ALA A 138 -25.26 -24.11 21.53
N ASP A 139 -24.75 -24.64 20.41
CA ASP A 139 -23.34 -24.99 20.31
C ASP A 139 -22.68 -24.51 19.04
N ARG A 140 -23.30 -23.53 18.38
CA ARG A 140 -22.72 -23.01 17.14
C ARG A 140 -22.70 -21.49 17.12
N VAL A 141 -21.86 -20.96 16.23
CA VAL A 141 -21.78 -19.53 15.99
C VAL A 141 -22.04 -19.27 14.51
N ASN A 142 -22.82 -18.25 14.23
CA ASN A 142 -23.13 -17.84 12.88
C ASN A 142 -22.49 -16.49 12.54
N ALA A 143 -21.46 -16.54 11.70
CA ALA A 143 -20.85 -15.34 11.17
C ALA A 143 -21.29 -15.13 9.72
N THR A 144 -22.00 -14.04 9.46
CA THR A 144 -22.44 -13.78 8.10
C THR A 144 -21.83 -12.50 7.53
N ILE A 145 -21.13 -12.67 6.41
CA ILE A 145 -20.53 -11.54 5.71
C ILE A 145 -21.28 -11.28 4.42
N THR A 146 -21.87 -10.10 4.32
CA THR A 146 -22.62 -9.73 3.12
C THR A 146 -21.93 -8.56 2.44
N ALA A 147 -21.61 -8.70 1.16
CA ALA A 147 -20.90 -7.65 0.43
C ALA A 147 -21.35 -7.54 -1.02
N ASN A 148 -21.24 -6.34 -1.57
CA ASN A 148 -21.60 -6.10 -2.97
C ASN A 148 -20.63 -6.73 -3.97
N SER A 149 -19.43 -7.06 -3.52
CA SER A 149 -18.44 -7.66 -4.41
C SER A 149 -17.46 -8.54 -3.64
N PHE A 150 -16.65 -9.30 -4.38
CA PHE A 150 -15.63 -10.15 -3.77
C PHE A 150 -14.69 -9.35 -2.88
N PHE A 151 -14.35 -8.15 -3.34
CA PHE A 151 -13.38 -7.32 -2.62
C PHE A 151 -13.89 -6.88 -1.25
N GLY A 152 -15.16 -6.47 -1.18
CA GLY A 152 -15.79 -6.17 0.09
C GLY A 152 -15.89 -7.40 0.96
N MET A 153 -16.17 -8.54 0.32
CA MET A 153 -16.28 -9.81 1.02
C MET A 153 -14.93 -10.17 1.64
N ARG A 154 -13.86 -9.96 0.89
CA ARG A 154 -12.52 -10.29 1.36
C ARG A 154 -12.12 -9.41 2.54
N HIS A 155 -12.50 -8.13 2.49
CA HIS A 155 -12.30 -7.25 3.63
C HIS A 155 -13.07 -7.76 4.86
N GLY A 156 -14.30 -8.22 4.65
CA GLY A 156 -15.12 -8.76 5.73
C GLY A 156 -14.48 -9.96 6.44
N LEU A 157 -13.92 -10.88 5.66
CA LEU A 157 -13.17 -12.00 6.21
C LEU A 157 -12.00 -11.51 7.06
N GLU A 158 -11.34 -10.45 6.61
CA GLU A 158 -10.21 -9.90 7.37
C GLU A 158 -10.69 -9.40 8.72
N THR A 159 -11.74 -8.58 8.71
CA THR A 159 -12.28 -8.04 9.95
C THR A 159 -12.75 -9.14 10.88
N LEU A 160 -13.44 -10.13 10.32
CA LEU A 160 -13.94 -11.25 11.10
C LEU A 160 -12.83 -11.97 11.83
N SER A 161 -11.71 -12.23 11.14
CA SER A 161 -10.59 -12.92 11.78
C SER A 161 -10.01 -12.13 12.94
N GLN A 162 -10.18 -10.82 12.92
CA GLN A 162 -9.67 -9.97 14.01
C GLN A 162 -10.55 -10.06 15.26
N LEU A 163 -11.72 -10.71 15.14
CA LEU A 163 -12.63 -10.83 16.27
C LEU A 163 -12.36 -12.09 17.09
N PHE A 164 -11.19 -12.70 16.86
CA PHE A 164 -10.77 -13.85 17.64
C PHE A 164 -9.66 -13.44 18.58
N VAL A 165 -9.62 -14.05 19.76
CA VAL A 165 -8.63 -13.74 20.79
C VAL A 165 -8.20 -15.03 21.47
N PHE A 166 -6.91 -15.18 21.72
CA PHE A 166 -6.42 -16.32 22.48
C PHE A 166 -6.29 -15.99 23.95
N ASP A 167 -6.96 -16.77 24.79
CA ASP A 167 -6.82 -16.67 26.24
C ASP A 167 -5.64 -17.53 26.64
N ASP A 168 -4.50 -16.92 26.94
CA ASP A 168 -3.30 -17.68 27.28
C ASP A 168 -3.21 -18.06 28.76
N ILE A 169 -4.21 -17.64 29.54
CA ILE A 169 -4.33 -18.10 30.92
C ILE A 169 -5.00 -19.47 30.95
N ARG A 170 -5.96 -19.69 30.05
CA ARG A 170 -6.72 -20.93 30.01
C ARG A 170 -6.42 -21.78 28.76
N ASP A 171 -5.67 -21.21 27.82
CA ASP A 171 -5.44 -21.83 26.50
C ASP A 171 -6.74 -22.07 25.76
N HIS A 172 -7.58 -21.05 25.71
CA HIS A 172 -8.85 -21.13 24.99
C HIS A 172 -8.82 -20.15 23.82
N LEU A 173 -9.28 -20.61 22.66
CA LEU A 173 -9.51 -19.69 21.56
C LEU A 173 -10.89 -19.08 21.74
N LEU A 174 -10.96 -17.75 21.74
CA LEU A 174 -12.22 -17.08 22.02
C LEU A 174 -12.64 -16.24 20.83
N MET A 175 -13.94 -15.98 20.73
CA MET A 175 -14.46 -15.13 19.67
C MET A 175 -15.54 -14.22 20.22
N VAL A 176 -15.61 -13.01 19.69
CA VAL A 176 -16.65 -12.07 20.10
C VAL A 176 -18.04 -12.63 19.77
N ARG A 177 -18.91 -12.67 20.77
CA ARG A 177 -20.19 -13.39 20.67
C ARG A 177 -21.24 -12.67 19.82
N ASP A 178 -21.39 -11.36 20.04
CA ASP A 178 -22.42 -10.61 19.36
C ASP A 178 -21.83 -9.41 18.63
N VAL A 179 -21.83 -9.48 17.31
CA VAL A 179 -21.20 -8.46 16.47
C VAL A 179 -22.16 -7.93 15.41
N ASN A 180 -22.27 -6.60 15.32
CA ASN A 180 -22.91 -5.97 14.19
C ASN A 180 -22.02 -4.90 13.60
N ILE A 181 -21.50 -5.17 12.40
CA ILE A 181 -20.56 -4.25 11.76
C ILE A 181 -20.98 -3.92 10.32
N SER A 182 -21.00 -2.63 10.01
CA SER A 182 -21.11 -2.18 8.61
C SER A 182 -19.90 -1.29 8.34
N ASP A 183 -19.33 -1.40 7.15
CA ASP A 183 -18.02 -0.79 6.91
C ASP A 183 -17.79 -0.53 5.43
N LYS A 184 -17.05 0.55 5.15
CA LYS A 184 -16.63 0.88 3.78
C LYS A 184 -15.56 1.96 3.86
N PRO A 185 -14.58 1.91 2.94
CA PRO A 185 -13.44 2.83 2.98
C PRO A 185 -13.79 4.23 2.50
N VAL A 186 -13.21 5.25 3.12
CA VAL A 186 -13.38 6.63 2.67
C VAL A 186 -12.76 6.88 1.28
N TYR A 187 -11.55 6.36 1.06
CA TYR A 187 -10.85 6.54 -0.22
C TYR A 187 -10.65 5.21 -0.98
N PRO A 188 -10.77 5.25 -2.31
CA PRO A 188 -10.62 4.03 -3.13
C PRO A 188 -9.17 3.63 -3.43
N TYR A 189 -8.23 4.56 -3.34
CA TYR A 189 -6.81 4.27 -3.61
C TYR A 189 -6.03 4.30 -2.30
N ARG A 190 -5.62 3.14 -1.82
CA ARG A 190 -4.91 3.05 -0.55
C ARG A 190 -3.66 2.22 -0.79
N GLY A 191 -2.52 2.88 -0.96
CA GLY A 191 -1.39 2.20 -1.55
C GLY A 191 -0.04 2.26 -0.87
N ILE A 192 0.86 1.44 -1.41
CA ILE A 192 2.27 1.48 -1.04
C ILE A 192 3.05 1.51 -2.34
N LEU A 193 3.99 2.44 -2.45
CA LEU A 193 4.92 2.46 -3.58
C LEU A 193 6.16 1.68 -3.19
N LEU A 194 6.51 0.68 -3.99
CA LEU A 194 7.73 -0.07 -3.76
C LEU A 194 8.71 0.15 -4.92
N ASP A 195 9.84 0.78 -4.63
CA ASP A 195 10.88 1.01 -5.61
C ASP A 195 11.78 -0.23 -5.66
N THR A 196 11.75 -0.95 -6.78
CA THR A 196 12.58 -2.16 -6.89
C THR A 196 13.67 -1.99 -7.94
N ALA A 197 14.06 -0.75 -8.18
CA ALA A 197 15.12 -0.49 -9.15
C ALA A 197 16.38 0.08 -8.48
N ARG A 198 16.19 0.85 -7.42
CA ARG A 198 17.33 1.39 -6.67
C ARG A 198 18.00 0.27 -5.90
N ASN A 199 17.23 -0.77 -5.61
CA ASN A 199 17.73 -2.03 -5.05
C ASN A 199 16.70 -3.09 -5.40
N TYR A 200 17.13 -4.36 -5.44
CA TYR A 200 16.24 -5.45 -5.81
C TYR A 200 15.48 -6.00 -4.59
N TYR A 201 14.24 -6.43 -4.81
CA TYR A 201 13.44 -7.04 -3.76
C TYR A 201 13.03 -8.42 -4.24
N SER A 202 13.30 -9.46 -3.45
CA SER A 202 12.91 -10.81 -3.81
C SER A 202 11.42 -10.86 -4.02
N ILE A 203 10.94 -11.70 -4.94
CA ILE A 203 9.49 -11.75 -5.12
C ILE A 203 8.79 -12.34 -3.89
N GLU A 204 9.51 -13.17 -3.13
CA GLU A 204 8.99 -13.64 -1.85
C GLU A 204 8.65 -12.46 -0.94
N SER A 205 9.54 -11.48 -0.87
CA SER A 205 9.32 -10.32 0.00
C SER A 205 8.22 -9.42 -0.52
N ILE A 206 8.04 -9.40 -1.85
CA ILE A 206 6.96 -8.62 -2.43
C ILE A 206 5.60 -9.24 -2.08
N LYS A 207 5.50 -10.56 -2.16
CA LYS A 207 4.26 -11.24 -1.76
C LYS A 207 3.98 -11.09 -0.28
N ARG A 208 5.02 -11.21 0.55
CA ARG A 208 4.88 -11.01 1.98
C ARG A 208 4.30 -9.63 2.24
N THR A 209 4.83 -8.63 1.54
CA THR A 209 4.33 -7.27 1.63
C THR A 209 2.85 -7.19 1.29
N ILE A 210 2.44 -7.88 0.23
CA ILE A 210 1.04 -7.93 -0.15
C ILE A 210 0.18 -8.59 0.94
N GLU A 211 0.70 -9.63 1.60
CA GLU A 211 -0.02 -10.26 2.70
C GLU A 211 -0.32 -9.25 3.81
N ALA A 212 0.70 -8.49 4.19
CA ALA A 212 0.54 -7.48 5.25
C ALA A 212 -0.40 -6.35 4.84
N MET A 213 -0.32 -5.92 3.58
CA MET A 213 -1.25 -4.90 3.08
C MET A 213 -2.70 -5.34 3.23
N ALA A 214 -2.98 -6.59 2.83
CA ALA A 214 -4.35 -7.09 2.86
C ALA A 214 -4.86 -7.21 4.29
N ALA A 215 -3.93 -7.42 5.23
CA ALA A 215 -4.28 -7.56 6.64
C ALA A 215 -4.88 -6.27 7.19
N VAL A 216 -4.52 -5.13 6.59
CA VAL A 216 -5.07 -3.85 7.02
C VAL A 216 -5.82 -3.14 5.89
N LYS A 217 -6.17 -3.90 4.86
CA LYS A 217 -7.08 -3.45 3.80
C LYS A 217 -6.51 -2.39 2.85
N LEU A 218 -5.18 -2.29 2.78
CA LEU A 218 -4.57 -1.54 1.68
C LEU A 218 -4.85 -2.31 0.40
N ASN A 219 -5.05 -1.61 -0.71
CA ASN A 219 -5.51 -2.27 -1.94
C ASN A 219 -4.69 -2.01 -3.20
N THR A 220 -3.55 -1.33 -3.06
CA THR A 220 -2.73 -0.99 -4.24
C THR A 220 -1.24 -1.08 -3.98
N LEU A 221 -0.56 -1.94 -4.72
CA LEU A 221 0.88 -1.95 -4.74
C LEU A 221 1.35 -1.26 -6.00
N HIS A 222 1.98 -0.13 -5.82
CA HIS A 222 2.52 0.65 -6.93
C HIS A 222 3.96 0.17 -7.10
N TRP A 223 4.22 -0.53 -8.19
CA TRP A 223 5.52 -1.17 -8.40
C TRP A 223 6.41 -0.30 -9.29
N HIS A 224 7.25 0.51 -8.65
CA HIS A 224 8.22 1.36 -9.35
C HIS A 224 9.37 0.46 -9.80
N ILE A 225 9.18 -0.15 -10.96
CA ILE A 225 9.99 -1.30 -11.36
C ILE A 225 11.26 -0.95 -12.16
N THR A 226 11.37 0.28 -12.64
CA THR A 226 12.61 0.71 -13.31
C THR A 226 13.06 2.07 -12.82
N ASP A 227 14.35 2.33 -12.97
CA ASP A 227 14.91 3.65 -12.72
C ASP A 227 16.28 3.68 -13.35
N SER A 228 17.07 4.71 -13.04
CA SER A 228 18.36 4.84 -13.71
C SER A 228 19.36 3.78 -13.23
N GLN A 229 19.19 3.31 -11.99
CA GLN A 229 20.12 2.34 -11.40
C GLN A 229 19.99 0.91 -11.93
N SER A 230 18.80 0.51 -12.36
CA SER A 230 18.62 -0.84 -12.90
C SER A 230 17.33 -1.04 -13.68
N PHE A 231 17.28 -2.12 -14.46
CA PHE A 231 16.12 -2.47 -15.26
C PHE A 231 15.80 -3.95 -15.06
N PRO A 232 15.13 -4.29 -13.94
CA PRO A 232 14.87 -5.71 -13.63
C PRO A 232 13.64 -6.28 -14.33
N PHE A 233 12.79 -5.43 -14.91
CA PHE A 233 11.60 -5.91 -15.61
C PHE A 233 11.97 -6.68 -16.87
N VAL A 234 11.54 -7.94 -16.94
CA VAL A 234 11.86 -8.73 -18.12
C VAL A 234 10.93 -8.39 -19.29
N THR A 235 11.40 -7.54 -20.21
CA THR A 235 10.65 -7.25 -21.41
C THR A 235 11.08 -8.19 -22.54
N THR A 236 10.15 -9.04 -22.96
CA THR A 236 10.44 -10.03 -23.99
C THR A 236 10.78 -9.38 -25.34
N LYS A 237 10.13 -8.25 -25.62
CA LYS A 237 10.31 -7.58 -26.91
C LYS A 237 11.63 -6.79 -27.00
N ARG A 238 12.11 -6.27 -25.88
CA ARG A 238 13.39 -5.55 -25.88
C ARG A 238 14.32 -6.14 -24.82
N PRO A 239 14.76 -7.40 -25.02
CA PRO A 239 15.45 -8.16 -23.98
C PRO A 239 16.78 -7.55 -23.55
N ASN A 240 17.44 -6.79 -24.42
CA ASN A 240 18.69 -6.14 -24.03
C ASN A 240 18.55 -5.15 -22.87
N LEU A 241 17.35 -4.57 -22.70
CA LEU A 241 17.13 -3.65 -21.59
C LEU A 241 17.37 -4.31 -20.24
N TYR A 242 16.79 -5.49 -20.02
CA TYR A 242 16.98 -6.16 -18.73
C TYR A 242 18.32 -6.91 -18.67
N LYS A 243 18.78 -7.41 -19.82
CA LYS A 243 20.07 -8.10 -19.83
C LYS A 243 21.22 -7.17 -19.47
N PHE A 244 21.20 -5.95 -20.00
CA PHE A 244 22.23 -4.97 -19.69
C PHE A 244 21.91 -4.24 -18.38
N GLY A 245 20.63 -4.12 -18.07
CA GLY A 245 20.17 -3.25 -17.00
C GLY A 245 20.01 -3.89 -15.64
N ALA A 246 19.86 -5.20 -15.58
CA ALA A 246 19.69 -5.88 -14.30
C ALA A 246 20.97 -5.82 -13.47
N LEU A 247 20.83 -5.80 -12.14
CA LEU A 247 21.98 -5.80 -11.25
C LEU A 247 22.71 -7.14 -11.34
N SER A 248 21.97 -8.17 -11.74
CA SER A 248 22.53 -9.51 -11.93
C SER A 248 21.46 -10.32 -12.64
N PRO A 249 21.85 -11.45 -13.26
CA PRO A 249 20.87 -12.26 -14.02
C PRO A 249 19.75 -12.80 -13.15
N GLN A 250 19.99 -13.00 -11.87
CA GLN A 250 18.95 -13.50 -10.97
C GLN A 250 18.08 -12.37 -10.43
N LYS A 251 18.59 -11.14 -10.49
CA LYS A 251 17.83 -10.00 -9.98
C LYS A 251 16.96 -9.39 -11.07
N VAL A 252 16.01 -10.19 -11.54
CA VAL A 252 15.04 -9.75 -12.54
C VAL A 252 13.66 -10.17 -12.09
N TYR A 253 12.66 -9.66 -12.79
CA TYR A 253 11.29 -10.06 -12.57
C TYR A 253 10.74 -10.62 -13.88
N THR A 254 10.69 -11.95 -13.98
CA THR A 254 10.23 -12.63 -15.19
C THR A 254 8.74 -12.48 -15.36
N LYS A 255 8.24 -12.85 -16.54
CA LYS A 255 6.79 -12.83 -16.78
C LYS A 255 6.08 -13.75 -15.80
N ALA A 256 6.66 -14.93 -15.57
CA ALA A 256 6.08 -15.89 -14.64
C ALA A 256 6.03 -15.33 -13.22
N ALA A 257 7.10 -14.68 -12.79
CA ALA A 257 7.13 -14.11 -11.43
C ALA A 257 6.11 -13.00 -11.29
N ILE A 258 6.06 -12.09 -12.28
CA ILE A 258 5.11 -10.98 -12.20
C ILE A 258 3.67 -11.49 -12.19
N ARG A 259 3.37 -12.48 -13.04
CA ARG A 259 2.03 -13.07 -13.05
C ARG A 259 1.67 -13.65 -11.68
N GLU A 260 2.65 -14.26 -11.01
CA GLU A 260 2.45 -14.78 -9.66
C GLU A 260 2.06 -13.66 -8.71
N VAL A 261 2.86 -12.59 -8.71
CA VAL A 261 2.61 -11.45 -7.82
C VAL A 261 1.24 -10.83 -8.10
N VAL A 262 0.92 -10.66 -9.38
CA VAL A 262 -0.34 -10.02 -9.78
C VAL A 262 -1.54 -10.85 -9.32
N ARG A 263 -1.46 -12.16 -9.50
CA ARG A 263 -2.52 -13.07 -9.07
C ARG A 263 -2.62 -13.10 -7.55
N PHE A 264 -1.46 -13.12 -6.89
CA PHE A 264 -1.40 -13.11 -5.43
C PHE A 264 -2.10 -11.88 -4.90
N GLY A 265 -1.91 -10.75 -5.58
CA GLY A 265 -2.56 -9.51 -5.21
C GLY A 265 -4.06 -9.56 -5.42
N LEU A 266 -4.46 -10.08 -6.57
CA LEU A 266 -5.88 -10.15 -6.93
C LEU A 266 -6.64 -10.95 -5.87
N GLU A 267 -6.11 -12.10 -5.50
CA GLU A 267 -6.72 -12.95 -4.47
C GLU A 267 -6.90 -12.22 -3.15
N ARG A 268 -6.09 -11.19 -2.92
CA ARG A 268 -6.11 -10.45 -1.65
C ARG A 268 -6.61 -9.02 -1.81
N GLY A 269 -7.28 -8.74 -2.92
CA GLY A 269 -7.88 -7.43 -3.15
C GLY A 269 -6.85 -6.34 -3.36
N VAL A 270 -5.67 -6.72 -3.82
CA VAL A 270 -4.60 -5.75 -4.07
C VAL A 270 -4.31 -5.59 -5.56
N ARG A 271 -4.56 -4.38 -6.05
CA ARG A 271 -4.23 -3.98 -7.42
C ARG A 271 -2.71 -3.83 -7.54
N VAL A 272 -2.10 -4.52 -8.50
CA VAL A 272 -0.67 -4.34 -8.75
C VAL A 272 -0.46 -3.39 -9.92
N LEU A 273 -0.04 -2.17 -9.58
CA LEU A 273 0.01 -1.05 -10.53
C LEU A 273 1.46 -0.78 -10.94
N PRO A 274 1.80 -1.04 -12.21
CA PRO A 274 3.19 -0.87 -12.65
C PRO A 274 3.50 0.58 -12.99
N GLU A 275 4.76 0.99 -12.80
CA GLU A 275 5.20 2.31 -13.26
C GLU A 275 6.40 2.19 -14.19
N PHE A 276 6.33 2.85 -15.35
CA PHE A 276 7.56 3.09 -16.10
C PHE A 276 7.91 4.57 -16.07
N ASP A 277 8.87 4.92 -15.23
CA ASP A 277 9.26 6.30 -15.05
C ASP A 277 9.97 6.85 -16.29
N ALA A 278 9.50 7.97 -16.79
CA ALA A 278 10.08 8.61 -17.98
C ALA A 278 9.69 10.08 -18.02
N PRO A 279 10.48 10.92 -18.71
CA PRO A 279 11.70 10.63 -19.48
C PRO A 279 12.99 10.70 -18.65
N ALA A 280 12.89 11.11 -17.39
CA ALA A 280 14.03 11.02 -16.49
C ALA A 280 14.04 9.65 -15.82
N HIS A 281 15.00 9.42 -14.92
CA HIS A 281 15.07 8.17 -14.18
C HIS A 281 15.20 6.95 -15.10
N VAL A 282 16.04 7.08 -16.12
CA VAL A 282 16.40 5.96 -16.96
C VAL A 282 17.91 5.97 -17.05
N GLY A 283 18.50 4.81 -17.35
CA GLY A 283 19.94 4.75 -17.47
C GLY A 283 20.40 3.35 -17.84
N GLU A 284 20.61 2.52 -16.81
CA GLU A 284 21.05 1.14 -17.01
C GLU A 284 20.05 0.39 -17.90
N GLY A 285 20.58 -0.34 -18.88
CA GLY A 285 19.74 -1.08 -19.80
C GLY A 285 19.72 -0.47 -21.19
N TRP A 286 19.87 0.85 -21.25
CA TRP A 286 19.76 1.59 -22.51
C TRP A 286 21.08 1.79 -23.23
N GLN A 287 22.16 1.25 -22.68
CA GLN A 287 23.48 1.34 -23.31
C GLN A 287 23.43 0.84 -24.76
N ASP A 288 24.14 1.54 -25.64
CA ASP A 288 24.24 1.20 -27.07
C ASP A 288 22.97 1.40 -27.90
N THR A 289 21.96 2.05 -27.34
CA THR A 289 20.76 2.34 -28.13
C THR A 289 20.80 3.75 -28.71
N ASP A 290 21.65 4.60 -28.12
CA ASP A 290 21.67 6.03 -28.44
C ASP A 290 20.31 6.71 -28.18
N LEU A 291 19.53 6.14 -27.26
CA LEU A 291 18.21 6.68 -26.95
C LEU A 291 18.19 7.45 -25.63
N THR A 292 19.32 7.45 -24.90
CA THR A 292 19.45 8.28 -23.71
C THR A 292 20.53 9.34 -23.88
N VAL A 293 20.52 10.34 -23.01
CA VAL A 293 21.61 11.30 -22.91
C VAL A 293 21.98 11.44 -21.45
N CYS A 294 23.21 11.88 -21.19
CA CYS A 294 23.71 12.13 -19.83
C CYS A 294 23.86 10.91 -18.92
N PHE A 295 23.85 9.69 -19.46
CA PHE A 295 24.01 8.54 -18.57
C PHE A 295 25.38 8.57 -17.91
N LYS A 296 25.38 8.53 -16.58
CA LYS A 296 26.61 8.60 -15.80
C LYS A 296 27.39 9.90 -16.05
N ALA A 297 26.70 10.93 -16.50
CA ALA A 297 27.33 12.23 -16.71
C ALA A 297 27.95 12.76 -15.43
N GLU A 298 29.15 13.33 -15.55
CA GLU A 298 29.87 13.91 -14.43
C GLU A 298 30.26 15.35 -14.71
N PRO A 299 30.27 16.21 -13.68
CA PRO A 299 29.87 15.94 -12.30
C PRO A 299 28.36 15.82 -12.18
N TRP A 300 27.90 14.78 -11.49
CA TRP A 300 26.47 14.46 -11.50
C TRP A 300 25.56 15.56 -10.98
N LYS A 301 26.04 16.34 -10.01
CA LYS A 301 25.25 17.42 -9.45
C LYS A 301 24.82 18.46 -10.48
N SER A 302 25.56 18.56 -11.58
CA SER A 302 25.22 19.52 -12.63
C SER A 302 24.13 19.02 -13.57
N TYR A 303 23.82 17.73 -13.51
CA TYR A 303 22.93 17.14 -14.51
C TYR A 303 21.71 16.38 -13.96
N CYS A 304 21.74 16.02 -12.68
CA CYS A 304 20.61 15.32 -12.09
C CYS A 304 20.53 15.45 -10.57
N VAL A 305 19.42 14.96 -10.00
CA VAL A 305 19.14 15.06 -8.58
C VAL A 305 19.95 14.05 -7.76
N GLU A 306 20.20 12.88 -8.35
CA GLU A 306 21.02 11.85 -7.70
C GLU A 306 21.67 10.98 -8.75
N PRO A 307 22.87 10.48 -8.47
CA PRO A 307 23.57 9.65 -9.46
C PRO A 307 22.99 8.24 -9.53
N PRO A 308 23.02 7.63 -10.71
CA PRO A 308 23.57 8.16 -11.97
C PRO A 308 22.56 9.01 -12.73
N CYS A 309 23.06 10.03 -13.41
CA CYS A 309 22.21 10.81 -14.31
C CYS A 309 21.80 9.97 -15.51
N GLY A 310 20.83 10.46 -16.27
CA GLY A 310 20.33 9.75 -17.44
C GLY A 310 18.90 10.13 -17.77
N GLN A 311 18.66 10.51 -19.02
CA GLN A 311 17.32 10.82 -19.49
C GLN A 311 17.11 10.32 -20.91
N LEU A 312 15.87 9.99 -21.24
CA LEU A 312 15.52 9.61 -22.61
C LEU A 312 15.73 10.79 -23.56
N ASN A 313 16.06 10.48 -24.81
CA ASN A 313 16.15 11.50 -25.85
C ASN A 313 14.86 11.51 -26.66
N PRO A 314 13.97 12.47 -26.38
CA PRO A 314 12.65 12.49 -27.02
C PRO A 314 12.72 12.73 -28.51
N THR A 315 13.87 13.14 -29.04
CA THR A 315 13.96 13.52 -30.44
C THR A 315 14.19 12.33 -31.37
N LYS A 316 14.40 11.15 -30.79
CA LYS A 316 14.64 9.95 -31.58
C LYS A 316 13.35 9.17 -31.77
N ASP A 317 12.92 9.02 -33.03
CA ASP A 317 11.68 8.30 -33.33
C ASP A 317 11.68 6.86 -32.81
N GLU A 318 12.82 6.20 -32.87
CA GLU A 318 12.95 4.82 -32.44
C GLU A 318 12.59 4.64 -30.96
N LEU A 319 12.79 5.69 -30.17
CA LEU A 319 12.45 5.66 -28.74
C LEU A 319 11.02 5.20 -28.50
N TYR A 320 10.09 5.69 -29.30
CA TYR A 320 8.69 5.40 -29.07
C TYR A 320 8.32 3.98 -29.49
N GLN A 321 9.14 3.38 -30.34
CA GLN A 321 9.01 1.97 -30.65
C GLN A 321 9.46 1.11 -29.47
N TYR A 322 10.55 1.50 -28.83
CA TYR A 322 10.98 0.86 -27.58
C TYR A 322 9.88 1.00 -26.51
N LEU A 323 9.41 2.22 -26.31
CA LEU A 323 8.39 2.50 -25.30
C LEU A 323 7.12 1.68 -25.53
N GLU A 324 6.68 1.62 -26.79
CA GLU A 324 5.49 0.86 -27.11
C GLU A 324 5.65 -0.62 -26.73
N ASP A 325 6.83 -1.18 -26.98
CA ASP A 325 7.10 -2.57 -26.64
C ASP A 325 7.17 -2.80 -25.14
N ILE A 326 7.85 -1.92 -24.42
CA ILE A 326 7.90 -2.03 -22.96
C ILE A 326 6.50 -1.98 -22.37
N TYR A 327 5.72 -0.97 -22.76
CA TYR A 327 4.37 -0.81 -22.23
C TYR A 327 3.51 -2.04 -22.56
N SER A 328 3.69 -2.58 -23.77
CA SER A 328 2.93 -3.74 -24.20
C SER A 328 3.28 -4.98 -23.39
N ASP A 329 4.57 -5.17 -23.14
CA ASP A 329 5.02 -6.26 -22.27
C ASP A 329 4.51 -6.08 -20.86
N MET A 330 4.45 -4.83 -20.39
CA MET A 330 3.92 -4.56 -19.06
C MET A 330 2.43 -4.86 -19.00
N ALA A 331 1.70 -4.43 -20.03
CA ALA A 331 0.25 -4.65 -20.05
C ALA A 331 -0.09 -6.13 -20.06
N GLU A 332 0.74 -6.93 -20.73
CA GLU A 332 0.51 -8.37 -20.81
C GLU A 332 0.47 -9.04 -19.44
N VAL A 333 1.45 -8.73 -18.58
CA VAL A 333 1.53 -9.39 -17.28
C VAL A 333 0.87 -8.63 -16.13
N PHE A 334 0.87 -7.30 -16.20
CA PHE A 334 0.12 -6.50 -15.23
C PHE A 334 -1.30 -6.32 -15.73
N ASP A 335 -2.04 -7.42 -15.78
CA ASP A 335 -3.34 -7.41 -16.46
C ASP A 335 -4.52 -7.29 -15.52
N THR A 336 -4.27 -6.88 -14.28
CA THR A 336 -5.37 -6.53 -13.39
C THR A 336 -5.47 -5.01 -13.22
N THR A 337 -4.40 -4.29 -13.56
CA THR A 337 -4.41 -2.85 -13.32
C THR A 337 -5.36 -2.09 -14.25
N ASP A 338 -6.05 -1.11 -13.69
CA ASP A 338 -6.96 -0.25 -14.46
C ASP A 338 -6.28 1.08 -14.73
N ILE A 339 -5.06 1.24 -14.22
CA ILE A 339 -4.37 2.53 -14.23
C ILE A 339 -2.90 2.30 -14.57
N PHE A 340 -2.26 3.25 -15.23
CA PHE A 340 -0.85 3.13 -15.55
C PHE A 340 -0.10 4.36 -15.02
N HIS A 341 1.03 4.15 -14.37
CA HIS A 341 1.81 5.26 -13.83
C HIS A 341 2.99 5.53 -14.76
N MET A 342 3.12 6.76 -15.23
CA MET A 342 4.14 7.09 -16.22
C MET A 342 5.25 7.99 -15.66
N GLY A 343 5.31 8.08 -14.34
CA GLY A 343 6.40 8.78 -13.68
C GLY A 343 6.34 10.29 -13.84
N GLY A 344 7.23 10.81 -14.68
CA GLY A 344 7.27 12.24 -14.94
C GLY A 344 7.86 13.06 -13.80
N ASP A 345 8.73 12.47 -13.00
CA ASP A 345 9.37 13.26 -11.96
C ASP A 345 10.74 13.77 -12.36
N GLU A 346 11.05 15.00 -11.95
CA GLU A 346 12.43 15.50 -11.90
C GLU A 346 13.19 15.56 -13.22
N VAL A 347 12.61 16.16 -14.26
CA VAL A 347 13.31 16.29 -15.52
C VAL A 347 14.35 17.41 -15.46
N SER A 348 15.57 17.11 -15.92
CA SER A 348 16.67 18.09 -15.90
C SER A 348 16.82 18.80 -17.24
N GLU A 349 16.62 20.11 -17.24
CA GLU A 349 16.82 20.92 -18.46
C GLU A 349 18.29 20.91 -18.85
N ALA A 350 19.17 20.91 -17.85
CA ALA A 350 20.60 20.91 -18.11
C ALA A 350 21.02 19.65 -18.85
N CYS A 351 20.44 18.52 -18.48
CA CYS A 351 20.76 17.26 -19.14
C CYS A 351 20.38 17.30 -20.62
N TRP A 352 19.14 17.69 -20.92
CA TRP A 352 18.68 17.75 -22.30
C TRP A 352 19.46 18.77 -23.13
N ASN A 353 19.88 19.86 -22.50
CA ASN A 353 20.59 20.91 -23.19
C ASN A 353 22.05 20.61 -23.48
N SER A 354 22.63 19.59 -22.88
CA SER A 354 24.00 19.18 -23.17
C SER A 354 24.07 18.31 -24.43
N SER A 355 22.92 18.01 -25.01
CA SER A 355 22.86 17.17 -26.21
C SER A 355 22.77 17.99 -27.50
N ASP A 356 23.66 17.69 -28.44
CA ASP A 356 23.71 18.35 -29.73
C ASP A 356 22.47 18.01 -30.54
N SER A 357 22.12 16.73 -30.60
CA SER A 357 20.97 16.27 -31.37
C SER A 357 19.69 16.92 -30.88
N ILE A 358 19.59 17.11 -29.56
CA ILE A 358 18.41 17.73 -28.97
C ILE A 358 18.34 19.22 -29.28
N GLN A 359 19.47 19.92 -29.17
CA GLN A 359 19.51 21.34 -29.48
C GLN A 359 19.15 21.64 -30.93
N ASN A 360 19.63 20.81 -31.85
CA ASN A 360 19.28 20.96 -33.26
C ASN A 360 17.78 20.80 -33.47
N PHE A 361 17.20 19.79 -32.82
CA PHE A 361 15.78 19.51 -32.92
C PHE A 361 14.95 20.72 -32.49
N MET A 362 15.36 21.35 -31.39
CA MET A 362 14.62 22.48 -30.85
C MET A 362 14.80 23.76 -31.67
N MET A 363 15.93 23.87 -32.36
CA MET A 363 16.14 24.99 -33.27
C MET A 363 15.28 24.80 -34.51
N GLN A 364 15.29 23.58 -35.06
CA GLN A 364 14.57 23.25 -36.28
C GLN A 364 13.06 23.47 -36.18
N ASN A 365 12.52 23.46 -34.96
CA ASN A 365 11.11 23.74 -34.75
C ASN A 365 10.91 25.10 -34.10
N ARG A 366 11.97 25.90 -34.08
CA ARG A 366 11.94 27.29 -33.66
C ARG A 366 11.56 27.51 -32.19
N TRP A 367 11.97 26.59 -31.33
CA TRP A 367 11.93 26.82 -29.90
C TRP A 367 13.30 27.34 -29.51
N ASP A 368 13.41 28.00 -28.36
CA ASP A 368 14.71 28.49 -27.92
C ASP A 368 15.37 27.45 -27.02
N LEU A 369 16.41 27.85 -26.29
CA LEU A 369 17.13 26.93 -25.43
C LEU A 369 17.04 27.38 -23.97
N ASP A 370 15.94 28.03 -23.62
CA ASP A 370 15.73 28.42 -22.23
C ASP A 370 14.73 27.47 -21.55
N LYS A 371 14.63 27.56 -20.23
CA LYS A 371 13.89 26.60 -19.42
C LYS A 371 12.47 26.28 -19.90
N GLU A 372 11.74 27.29 -20.34
CA GLU A 372 10.35 27.10 -20.77
C GLU A 372 10.25 26.31 -22.08
N SER A 373 11.29 26.36 -22.89
CA SER A 373 11.31 25.64 -24.16
C SER A 373 11.39 24.13 -23.94
N PHE A 374 12.13 23.72 -22.91
CA PHE A 374 12.29 22.29 -22.65
C PHE A 374 11.02 21.69 -22.10
N LEU A 375 10.16 22.54 -21.57
CA LEU A 375 8.83 22.11 -21.16
C LEU A 375 8.06 21.68 -22.40
N LYS A 376 8.29 22.37 -23.52
CA LYS A 376 7.65 21.98 -24.77
C LYS A 376 8.19 20.64 -25.27
N LEU A 377 9.49 20.40 -25.07
CA LEU A 377 10.09 19.13 -25.45
C LEU A 377 9.49 18.01 -24.61
N TRP A 378 9.32 18.28 -23.31
CA TRP A 378 8.72 17.32 -22.39
C TRP A 378 7.28 17.03 -22.80
N ASN A 379 6.56 18.08 -23.16
CA ASN A 379 5.19 17.93 -23.64
C ASN A 379 5.15 17.04 -24.89
N TYR A 380 6.06 17.31 -25.82
CA TYR A 380 6.21 16.51 -27.02
C TYR A 380 6.41 15.04 -26.65
N PHE A 381 7.31 14.78 -25.70
CA PHE A 381 7.57 13.42 -25.27
C PHE A 381 6.34 12.74 -24.67
N GLN A 382 5.71 13.41 -23.71
CA GLN A 382 4.62 12.80 -22.96
C GLN A 382 3.42 12.49 -23.85
N GLN A 383 3.15 13.36 -24.82
CA GLN A 383 2.05 13.11 -25.76
C GLN A 383 2.29 11.84 -26.57
N LYS A 384 3.51 11.65 -27.04
CA LYS A 384 3.83 10.47 -27.84
C LYS A 384 3.87 9.19 -26.99
N ALA A 385 4.41 9.31 -25.78
CA ALA A 385 4.48 8.15 -24.88
C ALA A 385 3.08 7.73 -24.46
N GLN A 386 2.25 8.73 -24.16
CA GLN A 386 0.86 8.51 -23.78
C GLN A 386 0.10 7.73 -24.86
N ASP A 387 0.29 8.12 -26.11
CA ASP A 387 -0.34 7.42 -27.23
C ASP A 387 0.11 5.96 -27.30
N LYS A 388 1.39 5.71 -27.06
CA LYS A 388 1.91 4.35 -27.04
C LYS A 388 1.35 3.52 -25.88
N ALA A 389 1.14 4.17 -24.74
CA ALA A 389 0.59 3.46 -23.58
C ALA A 389 -0.84 3.02 -23.83
N TYR A 390 -1.64 3.90 -24.43
CA TYR A 390 -3.02 3.57 -24.79
C TYR A 390 -3.05 2.40 -25.74
N LYS A 391 -2.14 2.40 -26.71
CA LYS A 391 -2.06 1.32 -27.67
C LYS A 391 -1.66 0.01 -27.00
N ALA A 392 -0.77 0.09 -26.02
CA ALA A 392 -0.29 -1.09 -25.31
C ALA A 392 -1.39 -1.75 -24.49
N PHE A 393 -2.19 -0.93 -23.81
CA PHE A 393 -3.25 -1.45 -22.95
C PHE A 393 -4.53 -1.68 -23.74
N GLY A 394 -4.50 -1.35 -25.02
CA GLY A 394 -5.64 -1.58 -25.89
C GLY A 394 -6.86 -0.72 -25.60
N LYS A 395 -6.65 0.35 -24.83
CA LYS A 395 -7.73 1.26 -24.46
C LYS A 395 -7.13 2.50 -23.81
N LYS A 396 -7.89 3.59 -23.78
CA LYS A 396 -7.50 4.72 -22.95
C LYS A 396 -7.78 4.35 -21.50
N LEU A 397 -6.81 4.61 -20.63
CA LEU A 397 -6.95 4.37 -19.21
C LEU A 397 -6.26 5.52 -18.47
N PRO A 398 -6.70 5.81 -17.23
CA PRO A 398 -6.12 6.91 -16.47
C PRO A 398 -4.61 6.77 -16.34
N LEU A 399 -3.88 7.87 -16.49
CA LEU A 399 -2.43 7.86 -16.33
C LEU A 399 -2.06 8.68 -15.11
N ILE A 400 -1.01 8.27 -14.41
CA ILE A 400 -0.51 9.02 -13.25
C ILE A 400 0.85 9.66 -13.54
N LEU A 401 1.01 10.90 -13.09
CA LEU A 401 2.28 11.62 -13.17
C LEU A 401 2.55 12.25 -11.80
N TRP A 402 3.82 12.34 -11.40
CA TRP A 402 4.16 13.04 -10.16
C TRP A 402 4.01 14.55 -10.32
N THR A 403 3.86 15.26 -9.21
CA THR A 403 3.95 16.72 -9.24
C THR A 403 5.34 17.08 -9.73
N SER A 404 5.42 18.09 -10.57
CA SER A 404 6.67 18.47 -11.18
C SER A 404 6.51 19.82 -11.88
N THR A 405 7.57 20.25 -12.56
CA THR A 405 7.52 21.47 -13.37
C THR A 405 6.42 21.37 -14.42
N LEU A 406 6.25 20.18 -14.97
CA LEU A 406 5.25 19.94 -16.01
C LEU A 406 3.82 20.08 -15.48
N THR A 407 3.60 19.65 -14.23
CA THR A 407 2.24 19.59 -13.69
C THR A 407 1.88 20.79 -12.83
N ASN A 408 2.73 21.82 -12.84
CA ASN A 408 2.44 23.08 -12.20
C ASN A 408 1.04 23.53 -12.63
N TYR A 409 0.16 23.75 -11.64
CA TYR A 409 -1.25 24.02 -11.94
C TYR A 409 -1.46 25.22 -12.84
N LYS A 410 -0.51 26.15 -12.81
CA LYS A 410 -0.62 27.38 -13.60
C LYS A 410 -0.68 27.11 -15.10
N HIS A 411 -0.01 26.06 -15.56
CA HIS A 411 0.01 25.76 -16.99
C HIS A 411 -0.28 24.29 -17.30
N ILE A 412 -0.70 23.52 -16.31
CA ILE A 412 -0.90 22.09 -16.48
C ILE A 412 -1.86 21.74 -17.63
N ASP A 413 -2.88 22.58 -17.83
CA ASP A 413 -3.85 22.33 -18.89
C ASP A 413 -3.31 22.62 -20.29
N ASP A 414 -2.16 23.30 -20.37
CA ASP A 414 -1.47 23.44 -21.66
C ASP A 414 -0.97 22.06 -22.09
N TYR A 415 -0.71 21.20 -21.11
CA TYR A 415 -0.04 19.93 -21.37
C TYR A 415 -0.95 18.71 -21.18
N LEU A 416 -1.77 18.73 -20.15
CA LEU A 416 -2.59 17.57 -19.79
C LEU A 416 -4.07 17.94 -19.65
N ASN A 417 -4.89 16.99 -19.21
CA ASN A 417 -6.26 17.29 -18.80
C ASN A 417 -6.65 16.44 -17.60
N LYS A 418 -7.62 16.91 -16.82
CA LYS A 418 -7.95 16.26 -15.55
C LYS A 418 -8.68 14.93 -15.72
N ASP A 419 -9.20 14.65 -16.91
CA ASP A 419 -9.90 13.40 -17.12
C ASP A 419 -8.93 12.25 -17.42
N ASP A 420 -7.78 12.57 -17.99
CA ASP A 420 -6.85 11.55 -18.44
C ASP A 420 -5.68 11.36 -17.49
N TYR A 421 -5.42 12.35 -16.64
CA TYR A 421 -4.25 12.33 -15.77
C TYR A 421 -4.58 12.52 -14.30
N ILE A 422 -4.01 11.65 -13.48
CA ILE A 422 -4.09 11.77 -12.03
C ILE A 422 -2.72 12.22 -11.54
N ILE A 423 -2.68 13.13 -10.59
CA ILE A 423 -1.40 13.66 -10.14
C ILE A 423 -1.02 13.10 -8.78
N GLN A 424 0.14 12.45 -8.70
CA GLN A 424 0.63 11.96 -7.42
C GLN A 424 1.46 13.07 -6.76
N VAL A 425 1.06 13.44 -5.55
CA VAL A 425 1.64 14.59 -4.88
C VAL A 425 2.70 14.21 -3.87
N TRP A 426 3.91 14.67 -4.08
CA TRP A 426 4.92 14.53 -3.06
CA TRP A 426 4.87 14.47 -3.00
C TRP A 426 5.47 15.77 -2.44
N THR A 427 4.84 16.89 -2.68
CA THR A 427 5.14 18.16 -2.01
C THR A 427 4.67 18.06 -0.56
N THR A 428 4.97 19.05 0.28
CA THR A 428 4.42 19.07 1.63
C THR A 428 2.91 19.26 1.55
N GLY A 429 2.20 18.92 2.62
CA GLY A 429 0.76 19.03 2.62
C GLY A 429 0.24 20.45 2.61
N VAL A 430 1.13 21.42 2.80
CA VAL A 430 0.73 22.82 2.81
C VAL A 430 1.23 23.59 1.58
N ASP A 431 1.84 22.86 0.63
CA ASP A 431 2.30 23.46 -0.61
C ASP A 431 1.10 23.95 -1.43
N PRO A 432 1.19 25.20 -1.94
CA PRO A 432 0.12 25.85 -2.72
C PRO A 432 -0.30 25.06 -3.97
N GLN A 433 0.60 24.26 -4.53
CA GLN A 433 0.29 23.47 -5.72
C GLN A 433 -0.95 22.60 -5.55
N ILE A 434 -1.12 22.06 -4.35
CA ILE A 434 -2.24 21.18 -4.04
C ILE A 434 -3.59 21.87 -4.25
N LYS A 435 -3.76 23.03 -3.61
CA LYS A 435 -4.96 23.82 -3.77
C LYS A 435 -5.14 24.25 -5.23
N GLY A 436 -4.03 24.65 -5.87
CA GLY A 436 -4.08 25.06 -7.25
C GLY A 436 -4.59 23.96 -8.17
N LEU A 437 -4.05 22.76 -8.00
CA LEU A 437 -4.46 21.61 -8.79
C LEU A 437 -5.92 21.23 -8.53
N LEU A 438 -6.32 21.23 -7.27
CA LEU A 438 -7.69 20.88 -6.91
C LEU A 438 -8.68 21.86 -7.53
N GLU A 439 -8.32 23.14 -7.51
CA GLU A 439 -9.17 24.18 -8.11
C GLU A 439 -9.32 24.00 -9.62
N LYS A 440 -8.36 23.33 -10.24
CA LYS A 440 -8.44 23.08 -11.67
C LYS A 440 -9.15 21.75 -11.96
N GLY A 441 -9.58 21.07 -10.90
CA GLY A 441 -10.36 19.86 -11.04
C GLY A 441 -9.55 18.57 -11.10
N TYR A 442 -8.24 18.66 -10.88
CA TYR A 442 -7.39 17.47 -10.95
C TYR A 442 -7.57 16.54 -9.75
N ARG A 443 -7.44 15.23 -9.99
CA ARG A 443 -7.49 14.25 -8.92
C ARG A 443 -6.08 14.01 -8.38
N LEU A 444 -5.99 13.79 -7.07
CA LEU A 444 -4.69 13.63 -6.43
C LEU A 444 -4.53 12.30 -5.72
N ILE A 445 -3.30 11.79 -5.71
CA ILE A 445 -2.91 10.73 -4.79
C ILE A 445 -1.90 11.37 -3.84
N MET A 446 -2.21 11.36 -2.54
CA MET A 446 -1.33 12.01 -1.56
C MET A 446 -0.16 11.14 -1.13
N SER A 447 1.04 11.62 -1.42
CA SER A 447 2.26 10.99 -0.89
C SER A 447 3.17 12.09 -0.36
N ASN A 448 2.62 13.02 0.41
CA ASN A 448 3.41 14.17 0.85
C ASN A 448 4.63 13.77 1.66
N TYR A 449 5.80 14.26 1.24
CA TYR A 449 7.07 13.73 1.76
C TYR A 449 7.31 13.98 3.23
N ASP A 450 6.61 14.94 3.83
CA ASP A 450 6.83 15.21 5.24
C ASP A 450 6.06 14.23 6.13
N ALA A 451 5.26 13.36 5.53
CA ALA A 451 4.50 12.40 6.32
C ALA A 451 4.45 11.00 5.72
N LEU A 452 4.74 10.88 4.43
CA LEU A 452 4.52 9.61 3.72
C LEU A 452 5.76 9.05 3.01
N TYR A 453 6.92 9.68 3.18
CA TYR A 453 8.14 9.10 2.64
C TYR A 453 8.80 8.22 3.69
N PHE A 454 8.68 6.90 3.52
CA PHE A 454 9.12 5.96 4.54
C PHE A 454 10.62 5.69 4.49
N ASP A 455 11.31 6.29 3.52
CA ASP A 455 12.76 6.14 3.42
C ASP A 455 13.53 7.16 4.24
N CYS A 456 12.87 8.25 4.63
CA CYS A 456 13.53 9.35 5.36
C CYS A 456 14.11 8.94 6.72
N GLY A 457 15.23 9.54 7.10
CA GLY A 457 15.70 9.46 8.47
C GLY A 457 17.04 8.80 8.66
N TYR A 458 17.45 7.99 7.70
CA TYR A 458 18.67 7.21 7.88
C TYR A 458 19.94 7.97 7.50
N GLY A 459 21.08 7.29 7.50
CA GLY A 459 22.33 7.95 7.14
C GLY A 459 22.30 8.45 5.71
N ALA A 460 23.20 9.36 5.37
CA ALA A 460 23.34 9.78 3.98
C ALA A 460 23.84 8.59 3.18
N TRP A 461 23.45 8.50 1.90
CA TRP A 461 24.04 7.48 1.03
C TRP A 461 25.04 8.08 0.05
N VAL A 462 25.03 9.40 -0.07
CA VAL A 462 26.14 10.13 -0.66
C VAL A 462 26.69 11.09 0.40
N GLY A 463 28.00 11.04 0.63
CA GLY A 463 28.59 11.84 1.68
C GLY A 463 28.14 11.35 3.04
N ALA A 464 28.15 12.25 4.02
CA ALA A 464 27.84 11.86 5.40
C ALA A 464 26.64 12.63 5.95
N GLY A 465 26.27 12.34 7.19
CA GLY A 465 25.11 12.96 7.79
C GLY A 465 23.88 12.06 7.66
N ASN A 466 22.73 12.67 7.37
CA ASN A 466 21.49 11.92 7.20
C ASN A 466 20.90 12.14 5.82
N ASN A 467 19.99 11.26 5.38
CA ASN A 467 19.44 11.41 4.04
C ASN A 467 18.51 12.63 3.90
N TRP A 468 18.20 13.00 2.66
CA TRP A 468 17.64 14.32 2.34
C TRP A 468 16.37 14.73 3.08
N CYS A 469 15.48 13.78 3.34
CA CYS A 469 14.18 14.12 3.92
C CYS A 469 14.05 13.74 5.40
N SER A 470 15.19 13.52 6.06
CA SER A 470 15.20 13.33 7.50
C SER A 470 14.51 14.52 8.18
N PRO A 471 13.96 14.31 9.39
CA PRO A 471 14.04 13.13 10.27
C PRO A 471 13.11 11.97 9.89
N TYR A 472 13.31 10.84 10.56
CA TYR A 472 12.48 9.66 10.38
C TYR A 472 11.04 9.99 10.75
N ILE A 473 10.10 9.52 9.95
CA ILE A 473 8.70 9.84 10.18
C ILE A 473 8.05 8.76 11.04
N GLY A 474 7.70 9.11 12.27
CA GLY A 474 7.04 8.17 13.17
C GLY A 474 5.61 7.90 12.73
N TRP A 475 5.05 6.76 13.17
CA TRP A 475 3.69 6.40 12.79
C TRP A 475 2.69 7.45 13.23
N GLN A 476 3.00 8.14 14.32
CA GLN A 476 2.09 9.17 14.84
C GLN A 476 1.84 10.23 13.78
N LYS A 477 2.90 10.63 13.09
CA LYS A 477 2.80 11.67 12.07
C LYS A 477 2.13 11.14 10.82
N VAL A 478 2.36 9.87 10.49
CA VAL A 478 1.67 9.24 9.38
C VAL A 478 0.17 9.23 9.64
N TYR A 479 -0.20 8.85 10.86
CA TYR A 479 -1.61 8.72 11.22
C TYR A 479 -2.34 10.05 11.14
N ASP A 480 -1.71 11.12 11.63
CA ASP A 480 -2.37 12.42 11.73
C ASP A 480 -2.45 13.17 10.40
N ASN A 481 -1.67 12.75 9.41
CA ASN A 481 -1.67 13.37 8.10
C ASN A 481 -2.99 13.08 7.37
N SER A 482 -3.84 14.10 7.24
CA SER A 482 -5.19 13.90 6.71
C SER A 482 -5.44 14.57 5.36
N PRO A 483 -5.73 13.75 4.33
CA PRO A 483 -6.07 14.29 3.01
C PRO A 483 -7.31 15.17 3.08
N ALA A 484 -8.26 14.80 3.94
CA ALA A 484 -9.49 15.59 4.10
C ALA A 484 -9.15 17.02 4.52
N VAL A 485 -8.22 17.14 5.47
CA VAL A 485 -7.75 18.45 5.93
C VAL A 485 -6.96 19.16 4.83
N ILE A 486 -6.14 18.39 4.11
CA ILE A 486 -5.32 18.94 3.03
C ILE A 486 -6.14 19.49 1.86
N ALA A 487 -7.20 18.79 1.53
CA ALA A 487 -8.04 19.11 0.39
C ALA A 487 -9.24 20.02 0.71
N LEU A 488 -9.84 19.83 1.86
CA LEU A 488 -11.03 20.56 2.23
C LEU A 488 -12.01 20.25 1.13
N GLU A 489 -12.80 21.24 0.81
CA GLU A 489 -14.01 21.10 0.06
C GLU A 489 -13.81 20.20 -1.16
N HIS A 490 -12.57 20.06 -1.60
CA HIS A 490 -12.27 19.29 -2.80
C HIS A 490 -11.94 17.83 -2.51
N ARG A 491 -12.27 17.39 -1.30
CA ARG A 491 -12.03 16.03 -0.79
C ARG A 491 -12.26 14.90 -1.80
N ASP A 492 -13.37 14.93 -2.51
CA ASP A 492 -13.73 13.83 -3.39
C ASP A 492 -12.75 13.68 -4.55
N GLN A 493 -12.03 14.75 -4.87
CA GLN A 493 -11.00 14.69 -5.90
C GLN A 493 -9.77 13.94 -5.41
N VAL A 494 -9.61 13.82 -4.10
CA VAL A 494 -8.52 13.01 -3.58
C VAL A 494 -8.89 11.54 -3.67
N LEU A 495 -8.14 10.78 -4.46
CA LEU A 495 -8.43 9.37 -4.66
C LEU A 495 -7.95 8.55 -3.46
N GLY A 496 -7.03 9.14 -2.69
CA GLY A 496 -6.48 8.44 -1.55
C GLY A 496 -5.03 8.82 -1.33
N GLY A 497 -4.24 7.86 -0.87
CA GLY A 497 -2.86 8.14 -0.55
C GLY A 497 -1.97 6.92 -0.70
N GLU A 498 -0.66 7.15 -0.56
CA GLU A 498 0.31 6.09 -0.81
C GLU A 498 1.59 6.36 -0.03
N ALA A 499 2.01 5.36 0.74
CA ALA A 499 3.28 5.44 1.44
C ALA A 499 4.37 5.11 0.43
N ALA A 500 5.40 5.94 0.38
CA ALA A 500 6.46 5.72 -0.61
C ALA A 500 7.70 5.11 0.03
N LEU A 501 8.05 3.91 -0.41
CA LEU A 501 9.33 3.32 0.00
C LEU A 501 10.32 3.41 -1.18
N TRP A 502 11.03 4.53 -1.26
CA TRP A 502 12.14 4.63 -2.20
C TRP A 502 13.28 3.76 -1.69
N SER A 503 14.08 3.21 -2.59
CA SER A 503 14.97 2.13 -2.17
C SER A 503 16.46 2.38 -2.32
N GLU A 504 16.87 3.64 -2.31
CA GLU A 504 18.31 3.94 -2.29
C GLU A 504 18.95 3.26 -1.09
N GLN A 505 18.19 3.14 -0.01
CA GLN A 505 18.68 2.53 1.22
C GLN A 505 17.71 1.52 1.77
N SER A 506 17.09 0.75 0.88
CA SER A 506 16.20 -0.33 1.32
C SER A 506 16.17 -1.44 0.29
N ASP A 507 16.09 -2.68 0.76
CA ASP A 507 15.99 -3.82 -0.14
C ASP A 507 15.24 -4.95 0.56
N THR A 508 15.38 -6.17 0.05
CA THR A 508 14.73 -7.35 0.64
C THR A 508 14.85 -7.39 2.16
N SER A 509 16.02 -7.04 2.68
CA SER A 509 16.29 -7.22 4.11
C SER A 509 15.58 -6.22 5.03
N THR A 510 15.26 -5.05 4.54
CA THR A 510 14.74 -3.97 5.36
C THR A 510 13.27 -3.65 5.08
N LEU A 511 12.73 -4.32 4.13
CA LEU A 511 11.45 -3.95 3.69
C LEU A 511 10.32 -4.08 4.72
N ASP A 512 10.33 -5.16 5.50
CA ASP A 512 9.34 -5.37 6.53
C ASP A 512 9.38 -4.25 7.60
N GLY A 513 10.57 -3.82 7.97
CA GLY A 513 10.70 -2.76 8.96
C GLY A 513 10.37 -1.37 8.43
N ARG A 514 10.69 -1.13 7.16
CA ARG A 514 10.40 0.16 6.55
C ARG A 514 8.89 0.39 6.49
N LEU A 515 8.16 -0.65 6.12
CA LEU A 515 6.71 -0.52 5.88
C LEU A 515 5.85 -0.70 7.11
N TRP A 516 6.22 -1.62 7.99
CA TRP A 516 5.35 -2.01 9.09
C TRP A 516 5.94 -1.70 10.45
N PRO A 517 5.11 -1.16 11.36
CA PRO A 517 3.66 -1.00 11.17
C PRO A 517 3.23 0.37 10.66
N ARG A 518 4.15 1.20 10.20
CA ARG A 518 3.76 2.56 9.79
C ARG A 518 2.70 2.62 8.69
N ALA A 519 2.77 1.69 7.73
CA ALA A 519 1.79 1.68 6.65
C ALA A 519 0.39 1.37 7.17
N ALA A 520 0.30 0.74 8.34
CA ALA A 520 -0.99 0.50 8.97
C ALA A 520 -1.62 1.82 9.42
N ALA A 521 -0.78 2.77 9.81
CA ALA A 521 -1.31 4.10 10.19
C ALA A 521 -1.99 4.74 9.01
N LEU A 522 -1.35 4.66 7.84
CA LEU A 522 -1.94 5.15 6.60
C LEU A 522 -3.18 4.36 6.26
N ALA A 523 -3.14 3.05 6.49
CA ALA A 523 -4.30 2.20 6.20
C ALA A 523 -5.56 2.68 6.92
N GLU A 524 -5.45 2.98 8.20
CA GLU A 524 -6.61 3.46 8.94
C GLU A 524 -7.01 4.87 8.53
N ARG A 525 -6.01 5.75 8.35
CA ARG A 525 -6.30 7.11 7.90
C ARG A 525 -7.09 7.10 6.61
N LEU A 526 -6.68 6.26 5.67
CA LEU A 526 -7.34 6.21 4.36
C LEU A 526 -8.65 5.43 4.39
N TRP A 527 -8.75 4.43 5.25
CA TRP A 527 -9.96 3.63 5.34
C TRP A 527 -11.07 4.39 6.08
N ALA A 528 -10.71 5.08 7.15
CA ALA A 528 -11.68 5.70 8.03
C ALA A 528 -11.67 7.20 8.13
N GLU A 529 -10.58 7.85 7.78
CA GLU A 529 -10.45 9.27 7.95
C GLU A 529 -10.82 9.79 9.35
N PRO A 530 -10.38 9.18 10.42
CA PRO A 530 -10.88 9.51 11.75
C PRO A 530 -10.70 10.94 12.10
N ALA A 531 -11.71 11.51 12.74
CA ALA A 531 -11.61 12.82 13.33
C ALA A 531 -10.61 12.85 14.47
N THR A 532 -10.48 11.74 15.14
CA THR A 532 -9.59 11.57 16.28
C THR A 532 -8.13 11.48 15.84
N SER A 533 -7.22 11.63 16.80
CA SER A 533 -5.79 11.62 16.49
C SER A 533 -5.09 10.32 16.88
N TRP A 534 -3.78 10.28 16.71
CA TRP A 534 -3.03 9.06 16.92
C TRP A 534 -3.16 8.53 18.35
N GLN A 535 -3.24 9.43 19.33
CA GLN A 535 -3.34 9.02 20.74
C GLN A 535 -4.52 8.08 20.96
N ASP A 536 -5.61 8.33 20.25
CA ASP A 536 -6.83 7.53 20.41
C ASP A 536 -6.74 6.20 19.69
N ALA A 537 -5.73 6.05 18.85
CA ALA A 537 -5.51 4.82 18.10
C ALA A 537 -4.31 4.06 18.62
N GLU A 538 -3.60 4.65 19.58
CA GLU A 538 -2.32 4.13 20.07
C GLU A 538 -2.39 2.66 20.50
N TYR A 539 -3.34 2.30 21.35
CA TYR A 539 -3.39 0.95 21.88
C TYR A 539 -3.63 -0.08 20.78
N ARG A 540 -4.56 0.21 19.87
CA ARG A 540 -4.84 -0.69 18.76
C ARG A 540 -3.65 -0.80 17.81
N MET A 541 -2.87 0.27 17.70
CA MET A 541 -1.69 0.24 16.83
C MET A 541 -0.62 -0.68 17.41
N LEU A 542 -0.46 -0.65 18.74
CA LEU A 542 0.49 -1.55 19.39
C LEU A 542 0.08 -3.01 19.16
N HIS A 543 -1.22 -3.28 19.16
CA HIS A 543 -1.68 -4.64 18.88
C HIS A 543 -1.48 -5.08 17.44
N ILE A 544 -1.81 -4.20 16.48
CA ILE A 544 -1.66 -4.59 15.08
C ILE A 544 -0.19 -4.89 14.77
N ARG A 545 0.72 -4.20 15.46
CA ARG A 545 2.16 -4.48 15.30
C ARG A 545 2.45 -5.93 15.71
N GLU A 546 1.93 -6.34 16.86
CA GLU A 546 2.13 -7.70 17.33
C GLU A 546 1.53 -8.72 16.35
N ARG A 547 0.41 -8.38 15.74
CA ARG A 547 -0.20 -9.26 14.75
C ARG A 547 0.66 -9.42 13.50
N PHE A 548 1.29 -8.32 13.05
CA PHE A 548 2.23 -8.40 11.94
C PHE A 548 3.38 -9.35 12.26
N VAL A 549 3.96 -9.21 13.45
CA VAL A 549 5.06 -10.08 13.89
C VAL A 549 4.60 -11.54 13.90
N ARG A 550 3.40 -11.78 14.39
CA ARG A 550 2.83 -13.13 14.37
C ARG A 550 2.70 -13.66 12.93
N MET A 551 2.43 -12.77 11.98
CA MET A 551 2.33 -13.18 10.58
C MET A 551 3.70 -13.53 9.99
N GLY A 552 4.77 -13.16 10.69
CA GLY A 552 6.11 -13.40 10.18
C GLY A 552 6.76 -12.15 9.60
N ILE A 553 6.06 -11.02 9.71
CA ILE A 553 6.61 -9.74 9.30
C ILE A 553 7.58 -9.22 10.37
N GLN A 554 8.78 -8.82 9.95
CA GLN A 554 9.76 -8.26 10.90
C GLN A 554 9.44 -6.79 11.12
N ALA A 555 8.28 -6.52 11.70
CA ALA A 555 7.82 -5.14 11.84
C ALA A 555 8.68 -4.36 12.82
N GLU A 556 8.78 -3.04 12.58
CA GLU A 556 9.44 -2.15 13.53
C GLU A 556 8.82 -2.26 14.92
N SER A 557 9.62 -2.00 15.95
CA SER A 557 9.12 -1.98 17.32
C SER A 557 8.77 -0.54 17.67
N LEU A 558 7.58 -0.33 18.25
CA LEU A 558 7.13 1.02 18.57
C LEU A 558 7.42 1.44 20.02
N GLN A 559 7.22 0.50 20.95
CA GLN A 559 7.30 0.80 22.37
C GLN A 559 7.72 -0.45 23.13
N PRO A 560 8.19 -0.29 24.38
CA PRO A 560 8.40 -1.47 25.23
C PRO A 560 7.12 -2.27 25.33
N GLU A 561 7.21 -3.59 25.26
CA GLU A 561 6.02 -4.42 25.42
C GLU A 561 5.38 -4.16 26.79
N TRP A 562 6.17 -3.69 27.75
CA TRP A 562 5.63 -3.33 29.05
C TRP A 562 4.50 -2.30 28.92
N CYS A 563 4.66 -1.35 28.01
CA CYS A 563 3.63 -0.32 27.78
C CYS A 563 2.34 -0.96 27.27
N TYR A 564 2.50 -1.93 26.37
CA TYR A 564 1.36 -2.67 25.80
C TYR A 564 0.60 -3.42 26.90
N GLN A 565 1.33 -3.93 27.89
CA GLN A 565 0.72 -4.66 28.99
C GLN A 565 0.21 -3.73 30.10
N ASN A 566 0.64 -2.47 30.06
CA ASN A 566 0.31 -1.53 31.12
C ASN A 566 -0.17 -0.20 30.56
N GLU A 567 -1.30 -0.24 29.87
CA GLU A 567 -1.89 0.94 29.24
C GLU A 567 -2.04 2.13 30.17
N GLY A 568 -1.57 3.28 29.73
CA GLY A 568 -1.72 4.51 30.48
C GLY A 568 -0.49 4.94 31.25
N TYR A 569 0.48 4.04 31.40
CA TYR A 569 1.68 4.37 32.17
C TYR A 569 2.80 4.95 31.32
N CYS A 570 2.73 4.73 30.00
CA CYS A 570 3.72 5.30 29.09
C CYS A 570 3.07 6.43 28.30
N TYR A 571 3.37 7.68 28.67
CA TYR A 571 2.75 8.83 28.04
C TYR A 571 3.68 10.04 28.12
N SER A 572 3.39 11.05 27.30
CA SER A 572 4.12 12.32 27.36
C SER A 572 3.38 13.41 26.60
OAH NF6 B . 17.38 15.81 -2.84
CAC NF6 B . 16.25 16.58 -2.56
CAD NF6 B . 16.30 17.58 -1.47
CAE NF6 B . 15.14 18.36 -1.19
CAF NF6 B . 13.95 18.16 -1.96
CAM NF6 B . 12.76 18.95 -1.68
CAL NF6 B . 12.79 19.91 -0.64
CAK NF6 B . 13.99 20.11 0.13
NAZ NF6 B . 14.05 21.09 1.21
CBA NF6 B . 13.76 20.67 2.57
CBB NF6 B . 14.42 22.47 0.93
CAJ NF6 B . 15.17 19.31 -0.16
CAP NF6 B . 16.37 19.52 0.62
CAO NF6 B . 17.53 18.75 0.33
CAN NF6 B . 17.50 17.78 -0.70
CAG NF6 B . 13.95 17.15 -3.03
OAI NF6 B . 12.80 16.92 -3.80
NAB NF6 B . 15.11 16.40 -3.28
CAA NF6 B . 15.10 15.42 -4.33
CAW NF6 B . 14.45 14.06 -4.08
NAX NF6 B . 14.55 13.03 -5.21
CAY NF6 B . 13.87 11.79 -4.85
CAQ NF6 B . 12.41 11.62 -5.25
SAU NF6 B . 11.70 11.71 -6.81
NAR NF6 B . 11.40 11.37 -4.42
NAS NF6 B . 10.17 11.25 -4.96
CAT NF6 B . 10.10 11.41 -6.28
CAV NF6 B . 8.82 11.32 -7.12
C1 NAG C . -27.22 -16.51 10.27
C2 NAG C . -28.59 -16.94 9.78
C3 NAG C . -29.13 -15.99 8.75
C4 NAG C . -29.13 -14.62 9.34
C5 NAG C . -27.66 -14.35 9.69
C6 NAG C . -27.31 -12.94 10.05
C7 NAG C . -28.64 -19.22 10.04
C8 NAG C . -28.41 -20.59 9.54
N2 NAG C . -28.39 -18.24 9.23
O3 NAG C . -30.44 -16.29 8.45
O4 NAG C . -29.61 -13.74 8.36
O5 NAG C . -27.24 -15.21 10.69
O6 NAG C . -28.34 -12.29 10.69
O7 NAG C . -29.06 -19.01 11.15
C1 NAG D . 21.43 25.58 -23.13
C2 NAG D . 21.07 26.77 -22.28
C3 NAG D . 21.16 28.05 -23.07
C4 NAG D . 22.53 28.17 -23.63
C5 NAG D . 22.90 26.95 -24.40
C6 NAG D . 24.35 27.22 -24.77
C7 NAG D . 19.56 26.35 -20.53
C8 NAG D . 18.14 26.28 -20.07
N2 NAG D . 19.75 26.67 -21.78
O3 NAG D . 21.04 29.15 -22.22
O4 NAG D . 22.56 29.23 -24.54
O5 NAG D . 22.74 25.81 -23.60
O6 NAG D . 24.85 26.23 -25.60
O7 NAG D . 20.47 26.12 -19.76
#